data_3LZU
#
_entry.id   3LZU
#
_cell.length_a   61.878
_cell.length_b   61.878
_cell.length_c   82.150
_cell.angle_alpha   90.000
_cell.angle_beta   90.000
_cell.angle_gamma   120.000
#
_symmetry.space_group_name_H-M   'P 61'
#
loop_
_entity.id
_entity.type
_entity.pdbx_description
1 polymer 'HIV-1 protease'
2 non-polymer 'ACETATE ION'
3 non-polymer (3R,3AS,6AR)-HEXAHYDROFURO[2,3-B]FURAN-3-YL(1S,2R)-3-[[(4-AMINOPHENYL)SULFONYL](ISOBUTYL)AMINO]-1-BENZYL-2-HYDROXYPROPYLCARBAMATE
4 water water
#
_entity_poly.entity_id   1
_entity_poly.type   'polypeptide(L)'
_entity_poly.pdbx_seq_one_letter_code
;PQITLWKRPLVTVKIGGQLKEALLDTGADDTVLEDINLPGKWKPKMIGGIGGFIKVRQYDQILIEICGKKAIGTVLVGPT
PVNIIGRSMLTQIGCTLNF
;
_entity_poly.pdbx_strand_id   B,A
#
# COMPACT_ATOMS: atom_id res chain seq x y z
N PRO A 1 -13.52 -1.48 13.37
CA PRO A 1 -12.85 -0.52 14.24
C PRO A 1 -12.07 0.55 13.47
N GLN A 2 -11.57 1.54 14.20
CA GLN A 2 -10.69 2.55 13.61
C GLN A 2 -9.29 2.07 13.96
N ILE A 3 -8.35 2.28 13.05
CA ILE A 3 -7.00 1.74 13.15
C ILE A 3 -5.98 2.85 12.83
N THR A 4 -5.09 3.17 13.76
CA THR A 4 -4.04 4.16 13.48
C THR A 4 -2.87 3.45 12.77
N LEU A 5 -1.89 4.20 12.29
CA LEU A 5 -0.88 3.64 11.39
C LEU A 5 0.56 3.67 11.94
N TRP A 6 0.71 3.68 13.26
CA TRP A 6 2.03 3.66 13.87
C TRP A 6 2.73 2.32 13.66
N LYS A 7 1.92 1.29 13.51
CA LYS A 7 2.40 -0.06 13.23
C LYS A 7 1.74 -0.51 11.92
N ARG A 8 2.28 -1.53 11.28
CA ARG A 8 1.64 -2.08 10.07
C ARG A 8 0.22 -2.54 10.41
N PRO A 9 -0.74 -2.18 9.55
CA PRO A 9 -2.15 -2.54 9.68
C PRO A 9 -2.42 -3.99 9.27
N LEU A 10 -1.89 -4.88 10.10
CA LEU A 10 -2.07 -6.32 9.91
C LEU A 10 -3.39 -6.79 10.51
N VAL A 11 -4.11 -7.62 9.77
CA VAL A 11 -5.37 -8.19 10.24
C VAL A 11 -5.38 -9.70 9.99
N THR A 12 -6.23 -10.42 10.71
CA THR A 12 -6.32 -11.85 10.49
C THR A 12 -7.35 -12.07 9.41
N VAL A 13 -7.07 -12.98 8.50
CA VAL A 13 -8.01 -13.28 7.43
C VAL A 13 -8.22 -14.77 7.37
N LYS A 14 -9.45 -15.16 7.08
CA LYS A 14 -9.78 -16.56 6.96
C LYS A 14 -10.18 -16.76 5.52
N ILE A 15 -9.49 -17.65 4.86
CA ILE A 15 -9.71 -17.94 3.44
C ILE A 15 -9.51 -19.43 3.21
N GLY A 16 -10.56 -20.07 2.68
CA GLY A 16 -10.51 -21.48 2.33
C GLY A 16 -10.19 -22.33 3.53
N GLY A 17 -10.71 -21.95 4.71
CA GLY A 17 -10.46 -22.66 5.97
C GLY A 17 -9.07 -22.43 6.56
N GLN A 18 -8.27 -21.59 5.92
CA GLN A 18 -6.92 -21.31 6.41
C GLN A 18 -6.91 -19.95 7.07
N LEU A 19 -6.03 -19.78 8.04
CA LEU A 19 -5.89 -18.52 8.74
C LEU A 19 -4.54 -17.89 8.40
N LYS A 20 -4.61 -16.64 7.96
CA LYS A 20 -3.42 -15.92 7.55
C LYS A 20 -3.46 -14.51 8.12
N GLU A 21 -2.31 -13.84 8.18
CA GLU A 21 -2.27 -12.41 8.49
C GLU A 21 -1.96 -11.70 7.17
N ALA A 22 -2.58 -10.54 7.00
CA ALA A 22 -2.44 -9.77 5.76
C ALA A 22 -2.47 -8.30 6.11
N LEU A 23 -1.82 -7.50 5.26
CA LEU A 23 -1.72 -6.08 5.45
C LEU A 23 -2.88 -5.40 4.76
N LEU A 24 -3.62 -4.57 5.49
CA LEU A 24 -4.63 -3.72 4.85
C LEU A 24 -3.90 -2.63 4.06
N ASP A 25 -4.01 -2.68 2.75
CA ASP A 25 -3.11 -1.91 1.87
C ASP A 25 -3.85 -1.07 0.83
N THR A 26 -4.04 0.19 1.16
CA THR A 26 -4.73 1.17 0.30
C THR A 26 -3.97 1.44 -1.00
N GLY A 27 -2.67 1.14 -1.03
CA GLY A 27 -1.89 1.32 -2.26
C GLY A 27 -1.95 0.16 -3.22
N ALA A 28 -2.65 -0.91 -2.83
CA ALA A 28 -2.79 -2.12 -3.65
C ALA A 28 -4.18 -2.17 -4.28
N ASP A 29 -4.22 -2.35 -5.59
CA ASP A 29 -5.49 -2.43 -6.30
C ASP A 29 -6.18 -3.75 -5.96
N ASP A 30 -5.40 -4.81 -5.86
CA ASP A 30 -5.98 -6.14 -5.61
C ASP A 30 -5.26 -6.90 -4.50
N THR A 31 -5.92 -7.95 -4.02
CA THR A 31 -5.42 -8.76 -2.92
C THR A 31 -4.42 -9.75 -3.48
N VAL A 32 -3.31 -9.89 -2.78
CA VAL A 32 -2.28 -10.82 -3.22
C VAL A 32 -1.81 -11.59 -2.00
N LEU A 33 -1.82 -12.91 -2.12
CA LEU A 33 -1.36 -13.77 -1.03
C LEU A 33 -0.32 -14.78 -1.50
N GLU A 34 0.57 -15.18 -0.59
CA GLU A 34 1.68 -16.07 -0.91
C GLU A 34 1.51 -17.48 -0.39
N ASP A 35 1.13 -17.61 0.87
CA ASP A 35 1.27 -18.87 1.59
C ASP A 35 -0.02 -19.64 1.62
N ILE A 36 -0.66 -19.75 0.45
CA ILE A 36 -1.94 -20.39 0.37
C ILE A 36 -2.11 -21.01 -0.96
N ASN A 37 -3.17 -21.79 -1.01
CA ASN A 37 -3.37 -22.78 -2.01
C ASN A 37 -4.86 -22.89 -2.12
N LEU A 38 -5.43 -22.37 -3.20
CA LEU A 38 -6.85 -22.29 -3.39
C LEU A 38 -7.15 -23.34 -4.40
N PRO A 39 -8.32 -23.92 -4.37
CA PRO A 39 -8.59 -24.98 -5.33
C PRO A 39 -9.17 -24.39 -6.59
N GLY A 40 -9.30 -25.22 -7.62
CA GLY A 40 -10.02 -24.81 -8.82
C GLY A 40 -9.22 -24.04 -9.85
N LYS A 41 -9.97 -23.51 -10.83
CA LYS A 41 -9.40 -22.88 -12.02
C LYS A 41 -8.89 -21.49 -11.69
N TRP A 42 -7.98 -21.01 -12.53
CA TRP A 42 -7.39 -19.68 -12.38
C TRP A 42 -6.80 -19.25 -13.72
N LYS A 43 -6.47 -17.96 -13.82
CA LYS A 43 -5.90 -17.38 -15.03
C LYS A 43 -4.56 -16.73 -14.70
N PRO A 44 -3.61 -16.82 -15.65
CA PRO A 44 -2.31 -16.22 -15.41
C PRO A 44 -2.39 -14.71 -15.52
N LYS A 45 -1.66 -14.02 -14.66
CA LYS A 45 -1.57 -12.56 -14.68
C LYS A 45 -0.21 -12.15 -14.14
N MET A 46 0.25 -10.97 -14.54
CA MET A 46 1.45 -10.38 -13.97
C MET A 46 1.04 -9.07 -13.33
N ILE A 47 1.56 -8.81 -12.13
CA ILE A 47 1.32 -7.56 -11.43
C ILE A 47 2.65 -6.89 -11.08
N GLY A 48 2.66 -5.56 -11.13
CA GLY A 48 3.89 -4.82 -10.91
C GLY A 48 3.82 -3.94 -9.68
N GLY A 49 4.94 -3.86 -8.98
CA GLY A 49 5.08 -2.96 -7.85
C GLY A 49 6.48 -2.39 -7.86
N ILE A 50 6.95 -1.97 -6.70
CA ILE A 50 8.32 -1.53 -6.54
C ILE A 50 9.23 -2.77 -6.69
N GLY A 51 10.15 -2.72 -7.63
CA GLY A 51 11.06 -3.83 -7.89
C GLY A 51 10.76 -4.49 -9.22
N GLY A 52 9.56 -4.25 -9.75
CA GLY A 52 9.15 -4.83 -11.01
C GLY A 52 7.92 -5.69 -10.87
N PHE A 53 7.90 -6.82 -11.57
CA PHE A 53 6.72 -7.65 -11.69
C PHE A 53 6.86 -9.07 -11.11
N ILE A 54 5.74 -9.64 -10.70
CA ILE A 54 5.67 -11.06 -10.36
C ILE A 54 4.54 -11.72 -11.15
N LYS A 55 4.69 -13.02 -11.39
CA LYS A 55 3.65 -13.83 -12.01
C LYS A 55 2.73 -14.31 -10.90
N VAL A 56 1.43 -14.21 -11.14
CA VAL A 56 0.44 -14.65 -10.16
C VAL A 56 -0.65 -15.50 -10.79
N ARG A 57 -1.30 -16.29 -9.96
CA ARG A 57 -2.49 -17.01 -10.37
C ARG A 57 -3.65 -16.13 -9.95
N GLN A 58 -4.54 -15.81 -10.89
CA GLN A 58 -5.73 -15.04 -10.55
C GLN A 58 -6.90 -16.00 -10.34
N TYR A 59 -7.47 -15.92 -9.13
CA TYR A 59 -8.62 -16.71 -8.72
C TYR A 59 -9.78 -15.75 -8.51
N ASP A 60 -10.90 -16.05 -9.18
CA ASP A 60 -12.05 -15.18 -9.06
C ASP A 60 -13.05 -15.69 -8.06
N GLN A 61 -13.88 -14.76 -7.59
CA GLN A 61 -15.01 -15.05 -6.73
C GLN A 61 -14.60 -15.90 -5.54
N ILE A 62 -13.56 -15.43 -4.85
CA ILE A 62 -13.05 -16.11 -3.66
C ILE A 62 -13.58 -15.44 -2.42
N LEU A 63 -14.04 -16.24 -1.46
CA LEU A 63 -14.55 -15.72 -0.20
C LEU A 63 -13.40 -15.51 0.79
N ILE A 64 -13.34 -14.33 1.36
CA ILE A 64 -12.37 -14.04 2.42
C ILE A 64 -13.12 -13.41 3.59
N GLU A 65 -12.68 -13.70 4.80
CA GLU A 65 -13.25 -13.07 5.98
C GLU A 65 -12.09 -12.30 6.65
N ILE A 66 -12.20 -10.97 6.69
CA ILE A 66 -11.08 -10.10 7.08
C ILE A 66 -11.54 -9.44 8.34
N CYS A 67 -10.81 -9.67 9.43
CA CYS A 67 -11.23 -9.23 10.74
C CYS A 67 -12.72 -9.53 10.99
N GLY A 68 -13.18 -10.71 10.55
CA GLY A 68 -14.55 -11.16 10.82
C GLY A 68 -15.67 -10.62 9.94
N LYS A 69 -15.32 -9.92 8.85
CA LYS A 69 -16.31 -9.43 7.87
C LYS A 69 -16.03 -10.11 6.54
N LYS A 70 -17.08 -10.50 5.83
CA LYS A 70 -16.97 -11.23 4.57
C LYS A 70 -16.93 -10.36 3.31
N ALA A 71 -16.16 -10.85 2.36
CA ALA A 71 -15.97 -10.24 1.06
C ALA A 71 -15.77 -11.36 0.06
N ILE A 72 -16.24 -11.14 -1.15
CA ILE A 72 -16.00 -12.07 -2.25
C ILE A 72 -15.37 -11.26 -3.37
N GLY A 73 -14.29 -11.80 -3.92
CA GLY A 73 -13.69 -11.13 -5.05
C GLY A 73 -12.44 -11.82 -5.50
N THR A 74 -11.66 -11.07 -6.27
CA THR A 74 -10.48 -11.64 -6.88
C THR A 74 -9.37 -11.73 -5.87
N VAL A 75 -8.69 -12.86 -5.87
CA VAL A 75 -7.50 -13.03 -5.08
C VAL A 75 -6.40 -13.52 -6.00
N LEU A 76 -5.28 -12.80 -5.95
CA LEU A 76 -4.08 -13.21 -6.66
C LEU A 76 -3.17 -13.99 -5.72
N VAL A 77 -2.60 -15.08 -6.25
CA VAL A 77 -1.70 -15.95 -5.49
C VAL A 77 -0.34 -16.00 -6.19
N GLY A 78 0.70 -15.65 -5.46
CA GLY A 78 2.00 -15.51 -6.09
C GLY A 78 3.02 -15.11 -5.05
N PRO A 79 4.29 -14.98 -5.48
CA PRO A 79 5.45 -14.72 -4.63
C PRO A 79 5.59 -13.29 -4.15
N THR A 80 4.50 -12.75 -3.59
CA THR A 80 4.57 -11.50 -2.82
C THR A 80 5.33 -11.72 -1.52
N PRO A 81 6.18 -10.77 -1.12
CA PRO A 81 6.88 -10.89 0.17
C PRO A 81 6.01 -10.76 1.41
N VAL A 82 4.81 -10.19 1.27
CA VAL A 82 3.88 -9.92 2.38
C VAL A 82 2.47 -10.09 1.84
N ASN A 83 1.59 -10.80 2.55
CA ASN A 83 0.18 -10.91 2.15
C ASN A 83 -0.50 -9.54 2.24
N ILE A 84 -1.24 -9.16 1.20
CA ILE A 84 -1.84 -7.83 1.14
C ILE A 84 -3.31 -7.91 0.75
N ILE A 85 -4.13 -7.15 1.48
CA ILE A 85 -5.55 -6.97 1.17
C ILE A 85 -5.66 -5.65 0.41
N GLY A 86 -6.10 -5.74 -0.84
CA GLY A 86 -6.18 -4.62 -1.73
C GLY A 86 -7.56 -3.98 -1.79
N ARG A 87 -7.63 -2.91 -2.57
CA ARG A 87 -8.82 -2.07 -2.58
C ARG A 87 -10.08 -2.81 -3.00
N SER A 88 -9.97 -3.76 -3.92
CA SER A 88 -11.13 -4.49 -4.41
C SER A 88 -11.84 -5.26 -3.31
N MET A 89 -11.11 -5.62 -2.25
CA MET A 89 -11.68 -6.19 -1.04
C MET A 89 -11.96 -5.16 0.05
N LEU A 90 -11.06 -4.19 0.22
CA LEU A 90 -11.24 -3.11 1.23
C LEU A 90 -12.61 -2.41 1.08
N THR A 91 -13.04 -2.15 -0.15
CA THR A 91 -14.33 -1.52 -0.39
C THR A 91 -15.49 -2.36 0.15
N GLN A 92 -15.35 -3.69 0.08
CA GLN A 92 -16.42 -4.60 0.50
C GLN A 92 -16.64 -4.69 1.98
N ILE A 93 -15.64 -4.30 2.75
CA ILE A 93 -15.74 -4.34 4.20
C ILE A 93 -15.98 -2.93 4.74
N GLY A 94 -16.14 -1.98 3.83
CA GLY A 94 -16.48 -0.62 4.19
C GLY A 94 -15.30 0.13 4.76
N CYS A 95 -14.12 -0.18 4.27
CA CYS A 95 -12.90 0.45 4.75
C CYS A 95 -12.65 1.80 4.08
N THR A 96 -12.36 2.81 4.90
CA THR A 96 -12.08 4.18 4.45
C THR A 96 -10.82 4.73 5.13
N LEU A 97 -10.19 5.70 4.48
CA LEU A 97 -9.11 6.49 5.06
C LEU A 97 -9.72 7.76 5.61
N ASN A 98 -9.22 8.18 6.76
CA ASN A 98 -9.73 9.37 7.44
C ASN A 98 -8.58 10.24 7.95
N PHE A 99 -8.66 11.55 7.71
CA PHE A 99 -7.71 12.49 8.32
C PHE A 99 -8.24 13.94 8.38
N PRO B 1 -11.00 15.17 5.97
CA PRO B 1 -11.36 14.32 4.84
C PRO B 1 -11.49 12.85 5.19
N GLN B 2 -12.67 12.27 4.94
CA GLN B 2 -12.80 10.83 4.97
C GLN B 2 -12.79 10.44 3.50
N ILE B 3 -12.07 9.39 3.11
CA ILE B 3 -12.12 8.98 1.70
C ILE B 3 -12.31 7.48 1.48
N THR B 4 -13.21 7.14 0.56
CA THR B 4 -13.49 5.73 0.24
C THR B 4 -12.44 5.22 -0.74
N LEU B 5 -12.46 3.92 -1.02
CA LEU B 5 -11.38 3.29 -1.77
C LEU B 5 -11.81 2.66 -3.10
N TRP B 6 -12.91 3.16 -3.69
CA TRP B 6 -13.36 2.69 -5.00
C TRP B 6 -12.36 3.09 -6.10
N LYS B 7 -11.65 4.18 -5.89
CA LYS B 7 -10.58 4.61 -6.79
C LYS B 7 -9.30 4.77 -6.00
N ARG B 8 -8.16 4.88 -6.68
CA ARG B 8 -6.88 5.07 -5.98
C ARG B 8 -6.92 6.33 -5.12
N PRO B 9 -6.46 6.24 -3.87
CA PRO B 9 -6.45 7.39 -2.97
C PRO B 9 -5.28 8.34 -3.25
N LEU B 10 -5.40 9.03 -4.36
CA LEU B 10 -4.39 10.00 -4.81
C LEU B 10 -4.64 11.36 -4.19
N VAL B 11 -3.57 11.98 -3.69
CA VAL B 11 -3.64 13.33 -3.11
C VAL B 11 -2.56 14.19 -3.75
N THR B 12 -2.74 15.51 -3.65
CA THR B 12 -1.75 16.42 -4.18
C THR B 12 -0.78 16.70 -3.05
N VAL B 13 0.50 16.71 -3.38
CA VAL B 13 1.51 16.94 -2.37
C VAL B 13 2.40 18.06 -2.86
N LYS B 14 2.81 18.91 -1.94
CA LYS B 14 3.74 19.97 -2.27
C LYS B 14 5.03 19.69 -1.48
N ILE B 15 6.11 19.57 -2.23
CA ILE B 15 7.41 19.23 -1.69
C ILE B 15 8.50 20.02 -2.41
N GLY B 16 9.27 20.80 -1.65
CA GLY B 16 10.39 21.55 -2.22
C GLY B 16 9.91 22.47 -3.33
N GLY B 17 8.73 23.08 -3.15
CA GLY B 17 8.11 23.98 -4.12
C GLY B 17 7.54 23.30 -5.36
N GLN B 18 7.58 21.97 -5.40
CA GLN B 18 7.08 21.22 -6.55
C GLN B 18 5.75 20.58 -6.18
N LEU B 19 4.88 20.42 -7.18
CA LEU B 19 3.58 19.84 -6.94
C LEU B 19 3.55 18.47 -7.59
N LYS B 20 3.20 17.47 -6.78
CA LYS B 20 3.12 16.10 -7.28
C LYS B 20 1.83 15.45 -6.81
N GLU B 21 1.43 14.36 -7.45
CA GLU B 21 0.33 13.55 -6.94
C GLU B 21 0.96 12.27 -6.41
N ALA B 22 0.41 11.77 -5.31
CA ALA B 22 0.96 10.61 -4.64
C ALA B 22 -0.17 9.78 -4.04
N LEU B 23 0.08 8.48 -3.90
CA LEU B 23 -0.89 7.56 -3.35
C LEU B 23 -0.79 7.49 -1.83
N LEU B 24 -1.90 7.69 -1.14
CA LEU B 24 -1.92 7.40 0.29
C LEU B 24 -1.88 5.88 0.49
N ASP B 25 -0.77 5.38 1.01
CA ASP B 25 -0.49 3.94 0.97
C ASP B 25 -0.17 3.35 2.34
N THR B 26 -1.19 2.78 2.95
CA THR B 26 -1.08 2.13 4.26
C THR B 26 -0.16 0.89 4.25
N GLY B 27 0.10 0.29 3.07
CA GLY B 27 1.00 -0.84 2.95
C GLY B 27 2.47 -0.47 2.82
N ALA B 28 2.75 0.83 2.77
CA ALA B 28 4.14 1.35 2.65
C ALA B 28 4.64 1.90 3.97
N ASP B 29 5.80 1.45 4.41
CA ASP B 29 6.39 1.93 5.65
C ASP B 29 6.87 3.37 5.47
N ASP B 30 7.40 3.64 4.27
CA ASP B 30 8.14 4.86 3.95
C ASP B 30 7.56 5.55 2.72
N THR B 31 7.73 6.87 2.64
CA THR B 31 7.30 7.64 1.49
C THR B 31 8.35 7.52 0.40
N VAL B 32 7.91 7.30 -0.84
CA VAL B 32 8.83 7.10 -1.94
C VAL B 32 8.31 7.88 -3.15
N LEU B 33 9.17 8.73 -3.69
CA LEU B 33 8.82 9.52 -4.86
C LEU B 33 9.85 9.35 -5.98
N GLU B 34 9.38 9.46 -7.21
CA GLU B 34 10.24 9.24 -8.37
C GLU B 34 10.63 10.54 -9.06
N ASP B 35 9.65 11.41 -9.26
CA ASP B 35 9.80 12.52 -10.22
C ASP B 35 10.23 13.83 -9.58
N ILE B 36 11.12 13.78 -8.59
CA ILE B 36 11.48 14.99 -7.85
C ILE B 36 12.97 15.12 -7.58
N ASN B 37 13.36 16.35 -7.25
CA ASN B 37 14.72 16.70 -6.95
C ASN B 37 14.76 17.39 -5.60
N LEU B 38 15.40 16.75 -4.63
CA LEU B 38 15.58 17.33 -3.32
C LEU B 38 17.04 17.72 -3.24
N PRO B 39 17.32 18.87 -2.65
CA PRO B 39 18.70 19.30 -2.52
C PRO B 39 19.31 18.66 -1.28
N GLY B 40 20.62 18.79 -1.11
CA GLY B 40 21.26 18.35 0.10
C GLY B 40 21.74 16.91 0.12
N LYS B 41 22.27 16.53 1.28
CA LYS B 41 22.86 15.21 1.46
C LYS B 41 21.77 14.14 1.48
N TRP B 42 22.20 12.90 1.33
CA TRP B 42 21.30 11.76 1.37
C TRP B 42 22.16 10.53 1.60
N LYS B 43 21.52 9.41 1.93
CA LYS B 43 22.21 8.15 2.13
C LYS B 43 21.59 7.10 1.22
N PRO B 44 22.42 6.16 0.71
CA PRO B 44 21.90 5.14 -0.16
C PRO B 44 21.15 4.08 0.66
N LYS B 45 20.02 3.62 0.13
CA LYS B 45 19.26 2.56 0.76
C LYS B 45 18.62 1.73 -0.35
N MET B 46 18.28 0.48 -0.02
CA MET B 46 17.50 -0.38 -0.91
C MET B 46 16.20 -0.68 -0.18
N ILE B 47 15.07 -0.58 -0.89
CA ILE B 47 13.77 -1.00 -0.37
C ILE B 47 13.15 -2.06 -1.28
N GLY B 48 12.39 -2.94 -0.68
CA GLY B 48 11.80 -4.03 -1.43
C GLY B 48 10.29 -3.95 -1.46
N GLY B 49 9.74 -4.34 -2.60
CA GLY B 49 8.30 -4.42 -2.76
C GLY B 49 7.99 -5.71 -3.45
N ILE B 50 6.85 -5.74 -4.15
CA ILE B 50 6.37 -6.99 -4.74
C ILE B 50 7.31 -7.67 -5.74
N GLY B 51 7.87 -6.91 -6.68
CA GLY B 51 8.76 -7.49 -7.70
C GLY B 51 10.25 -7.53 -7.40
N GLY B 52 10.63 -7.26 -6.15
CA GLY B 52 12.03 -7.22 -5.76
C GLY B 52 12.39 -5.86 -5.19
N PHE B 53 13.59 -5.37 -5.51
CA PHE B 53 14.10 -4.19 -4.84
C PHE B 53 14.48 -3.04 -5.78
N ILE B 54 14.46 -1.83 -5.22
CA ILE B 54 15.05 -0.68 -5.91
C ILE B 54 16.05 0.03 -4.98
N LYS B 55 17.04 0.69 -5.59
CA LYS B 55 17.97 1.54 -4.85
C LYS B 55 17.35 2.93 -4.76
N VAL B 56 17.41 3.51 -3.57
CA VAL B 56 16.82 4.83 -3.33
C VAL B 56 17.80 5.76 -2.64
N ARG B 57 17.58 7.06 -2.81
CA ARG B 57 18.30 8.04 -2.03
C ARG B 57 17.40 8.32 -0.85
N GLN B 58 17.92 8.19 0.36
CA GLN B 58 17.16 8.54 1.55
C GLN B 58 17.47 9.97 1.99
N TYR B 59 16.47 10.84 1.89
CA TYR B 59 16.57 12.22 2.38
C TYR B 59 15.82 12.32 3.70
N ASP B 60 16.49 12.89 4.70
CA ASP B 60 15.86 13.01 6.01
C ASP B 60 15.35 14.41 6.27
N GLN B 61 14.37 14.47 7.16
CA GLN B 61 13.78 15.71 7.64
C GLN B 61 13.31 16.58 6.48
N ILE B 62 12.52 15.98 5.60
CA ILE B 62 11.98 16.66 4.44
C ILE B 62 10.55 17.12 4.76
N LEU B 63 10.24 18.38 4.46
CA LEU B 63 8.90 18.93 4.64
C LEU B 63 8.03 18.55 3.44
N ILE B 64 6.85 18.03 3.73
CA ILE B 64 5.87 17.75 2.68
C ILE B 64 4.55 18.32 3.15
N GLU B 65 3.73 18.79 2.22
CA GLU B 65 2.41 19.28 2.56
C GLU B 65 1.44 18.43 1.75
N ILE B 66 0.62 17.64 2.42
CA ILE B 66 -0.20 16.60 1.76
C ILE B 66 -1.63 16.97 1.98
N CYS B 67 -2.34 17.25 0.88
CA CYS B 67 -3.70 17.75 0.99
C CYS B 67 -3.74 18.94 1.97
N GLY B 68 -2.73 19.82 1.93
CA GLY B 68 -2.72 21.01 2.75
C GLY B 68 -2.48 20.80 4.25
N LYS B 69 -1.83 19.70 4.59
CA LYS B 69 -1.38 19.43 5.97
C LYS B 69 0.12 19.13 5.93
N LYS B 70 0.86 19.67 6.89
CA LYS B 70 2.32 19.54 6.92
C LYS B 70 2.86 18.36 7.75
N ALA B 71 3.93 17.78 7.23
CA ALA B 71 4.65 16.70 7.85
C ALA B 71 6.12 16.84 7.51
N ILE B 72 6.97 16.44 8.46
CA ILE B 72 8.40 16.36 8.20
C ILE B 72 8.86 14.94 8.49
N GLY B 73 9.63 14.40 7.57
CA GLY B 73 10.29 13.14 7.84
C GLY B 73 11.05 12.62 6.63
N THR B 74 11.26 11.31 6.65
CA THR B 74 12.07 10.71 5.62
C THR B 74 11.32 10.59 4.32
N VAL B 75 11.99 11.00 3.26
CA VAL B 75 11.50 10.78 1.91
C VAL B 75 12.58 10.04 1.11
N LEU B 76 12.17 8.91 0.56
CA LEU B 76 13.00 8.14 -0.34
C LEU B 76 12.77 8.57 -1.79
N VAL B 77 13.85 8.69 -2.56
CA VAL B 77 13.76 9.11 -3.97
C VAL B 77 14.37 8.04 -4.84
N GLY B 78 13.60 7.50 -5.76
CA GLY B 78 14.09 6.38 -6.54
C GLY B 78 13.06 5.98 -7.56
N PRO B 79 13.40 4.95 -8.36
CA PRO B 79 12.57 4.50 -9.47
C PRO B 79 11.32 3.71 -9.10
N THR B 80 10.51 4.25 -8.20
CA THR B 80 9.17 3.70 -7.98
C THR B 80 8.25 4.00 -9.16
N PRO B 81 7.41 3.04 -9.55
CA PRO B 81 6.44 3.31 -10.62
C PRO B 81 5.33 4.30 -10.31
N VAL B 82 5.10 4.56 -9.02
CA VAL B 82 4.02 5.43 -8.55
C VAL B 82 4.51 6.13 -7.29
N ASN B 83 4.30 7.44 -7.18
CA ASN B 83 4.66 8.15 -5.95
C ASN B 83 3.77 7.68 -4.79
N ILE B 84 4.37 7.41 -3.65
CA ILE B 84 3.62 6.82 -2.54
C ILE B 84 3.95 7.56 -1.24
N ILE B 85 2.89 7.85 -0.47
CA ILE B 85 3.01 8.42 0.87
C ILE B 85 2.84 7.26 1.83
N GLY B 86 3.89 6.99 2.62
CA GLY B 86 3.93 5.85 3.51
C GLY B 86 3.54 6.20 4.94
N ARG B 87 3.52 5.19 5.78
CA ARG B 87 2.99 5.36 7.13
C ARG B 87 3.78 6.38 7.95
N SER B 88 5.08 6.50 7.73
CA SER B 88 5.91 7.46 8.46
C SER B 88 5.38 8.90 8.35
N MET B 89 4.76 9.21 7.21
CA MET B 89 4.09 10.49 6.98
C MET B 89 2.60 10.46 7.30
N LEU B 90 1.91 9.37 6.97
CA LEU B 90 0.48 9.24 7.23
C LEU B 90 0.15 9.47 8.72
N THR B 91 1.00 8.99 9.62
CA THR B 91 0.77 9.21 11.06
C THR B 91 0.81 10.68 11.42
N GLN B 92 1.63 11.46 10.73
CA GLN B 92 1.78 12.89 11.04
C GLN B 92 0.60 13.74 10.61
N ILE B 93 -0.15 13.27 9.62
CA ILE B 93 -1.31 14.02 9.17
C ILE B 93 -2.60 13.48 9.80
N GLY B 94 -2.45 12.53 10.72
CA GLY B 94 -3.56 12.02 11.52
C GLY B 94 -4.42 11.05 10.72
N CYS B 95 -3.79 10.35 9.79
CA CYS B 95 -4.50 9.46 8.90
C CYS B 95 -4.76 8.11 9.56
N THR B 96 -6.00 7.65 9.48
CA THR B 96 -6.41 6.37 10.06
C THR B 96 -7.24 5.55 9.06
N LEU B 97 -7.25 4.24 9.29
CA LEU B 97 -8.14 3.34 8.55
C LEU B 97 -9.39 3.07 9.39
N ASN B 98 -10.53 3.03 8.74
CA ASN B 98 -11.79 2.85 9.44
C ASN B 98 -12.68 1.83 8.73
N PHE B 99 -13.20 0.87 9.49
CA PHE B 99 -14.21 -0.05 8.97
C PHE B 99 -14.99 -0.72 10.10
#